data_2Y8C
#
_entry.id   2Y8C
#
_cell.length_a   77.160
_cell.length_b   77.160
_cell.length_c   110.980
_cell.angle_alpha   90.00
_cell.angle_beta   90.00
_cell.angle_gamma   90.00
#
_symmetry.space_group_name_H-M   'P 41'
#
loop_
_entity.id
_entity.type
_entity.pdbx_description
1 polymer "DEOXYURIDINE 5'-TRIPHOSPHATE NUCLEOTIDOHYDROLASE"
2 non-polymer (2S)-2-[(2,4-dioxopyrimidin-1-yl)methyl]-N-(2-hydroxyethyl)-4-trityloxy-butanamide
3 non-polymer 'SULFATE ION'
4 water water
#
_entity_poly.entity_id   1
_entity_poly.type   'polypeptide(L)'
_entity_poly.pdbx_seq_one_letter_code
;MHLKIVCLSDEVREMYKNHKTHHEGDSGLDLFIVKDEVLKPKSTTFVKLGIKAIALQYKSNYYYKCEKSENKKKDDDKSN
IVNTSFLLFPRSSISKTPLRLANSIGLIDAGYRGEIIAALDNTSDQEYHIKKNDKLVQLVSFTGEPLSFELVEELDETSR
GEGGFGSTSNNKY
;
_entity_poly.pdbx_strand_id   A,B,C
#
loop_
_chem_comp.id
_chem_comp.type
_chem_comp.name
_chem_comp.formula
DUQ non-polymer (2S)-2-[(2,4-dioxopyrimidin-1-yl)methyl]-N-(2-hydroxyethyl)-4-trityloxy-butanamide 'C30 H31 N3 O5'
SO4 non-polymer 'SULFATE ION' 'O4 S -2'
#
# COMPACT_ATOMS: atom_id res chain seq x y z
N MET A 1 17.93 -3.68 3.48
CA MET A 1 17.97 -2.77 2.35
C MET A 1 18.69 -1.56 2.93
N HIS A 2 19.50 -0.90 2.12
CA HIS A 2 20.19 0.27 2.62
C HIS A 2 19.83 1.45 1.76
N LEU A 3 19.34 2.53 2.37
CA LEU A 3 19.00 3.76 1.62
C LEU A 3 20.12 4.74 1.69
N LYS A 4 20.41 5.36 0.56
CA LYS A 4 21.33 6.50 0.53
C LYS A 4 20.52 7.69 0.19
N ILE A 5 20.61 8.71 1.03
CA ILE A 5 19.75 9.88 0.98
C ILE A 5 20.58 11.15 0.81
N VAL A 6 20.23 11.94 -0.23
CA VAL A 6 20.64 13.33 -0.42
C VAL A 6 19.60 14.29 0.13
N CYS A 7 19.95 15.07 1.15
CA CYS A 7 19.10 16.13 1.66
C CYS A 7 19.30 17.37 0.80
N LEU A 8 18.20 18.01 0.40
CA LEU A 8 18.28 19.06 -0.59
C LEU A 8 18.56 20.42 0.05
N SER A 9 18.65 20.50 1.36
CA SER A 9 19.09 21.74 1.99
C SER A 9 19.72 21.33 3.29
N ASP A 10 20.44 22.26 3.88
CA ASP A 10 21.07 22.08 5.17
C ASP A 10 20.09 21.88 6.32
N GLU A 11 18.94 22.52 6.21
CA GLU A 11 17.91 22.42 7.25
C GLU A 11 17.36 20.98 7.18
N VAL A 12 17.21 20.43 5.98
CA VAL A 12 16.76 19.00 5.91
C VAL A 12 17.87 18.08 6.46
N ARG A 13 19.12 18.36 6.11
CA ARG A 13 20.22 17.48 6.55
C ARG A 13 20.21 17.46 8.08
N GLU A 14 19.94 18.61 8.67
CA GLU A 14 19.83 18.71 10.14
C GLU A 14 18.70 17.85 10.71
N MET A 15 17.54 17.79 10.02
CA MET A 15 16.49 16.86 10.51
C MET A 15 16.86 15.37 10.45
N TYR A 16 17.52 14.92 9.36
CA TYR A 16 17.89 13.48 9.24
C TYR A 16 19.13 13.09 10.06
N LYS A 17 20.05 14.05 10.32
CA LYS A 17 21.19 13.78 11.26
C LYS A 17 20.64 13.49 12.65
N ASN A 18 19.60 14.22 13.05
CA ASN A 18 19.00 14.01 14.36
C ASN A 18 17.76 13.13 14.37
N HIS A 19 17.78 12.03 13.60
CA HIS A 19 16.60 11.14 13.50
C HIS A 19 16.36 10.25 14.72
N LYS A 20 15.47 10.04 15.11
CA LYS A 20 14.64 9.93 16.33
C LYS A 20 13.58 8.83 16.48
N THR A 21 13.08 8.28 15.38
CA THR A 21 12.52 8.14 15.45
C THR A 21 12.62 6.73 14.86
N HIS A 22 13.80 6.40 14.32
CA HIS A 22 14.12 5.12 13.66
C HIS A 22 15.05 4.25 14.50
N HIS A 23 14.74 2.97 14.65
CA HIS A 23 15.60 2.03 15.43
C HIS A 23 15.83 0.70 14.77
N GLU A 24 16.59 0.03 15.49
CA GLU A 24 16.85 -1.35 15.18
C GLU A 24 15.56 -1.97 14.77
N GLY A 25 15.58 -2.71 13.67
CA GLY A 25 14.37 -3.31 13.18
C GLY A 25 13.61 -2.20 12.50
N ASP A 26 12.79 -1.98 12.58
CA ASP A 26 11.84 -1.06 11.91
C ASP A 26 11.76 -1.38 10.41
N SER A 27 10.61 -1.83 9.95
CA SER A 27 10.42 -2.13 8.52
C SER A 27 10.20 -0.87 7.71
N GLY A 28 9.95 0.25 8.37
CA GLY A 28 9.67 1.50 7.67
C GLY A 28 10.56 2.59 8.21
N LEU A 29 11.04 3.45 7.33
CA LEU A 29 11.76 4.65 7.70
C LEU A 29 10.86 5.90 7.55
N ASP A 30 10.54 6.54 8.66
CA ASP A 30 9.65 7.72 8.62
C ASP A 30 10.34 8.85 7.88
N LEU A 31 9.60 9.54 6.99
CA LEU A 31 10.06 10.74 6.40
C LEU A 31 9.40 11.98 7.01
N PHE A 32 10.16 13.07 7.09
CA PHE A 32 9.64 14.35 7.60
C PHE A 32 8.98 15.22 6.58
N ILE A 33 7.95 15.92 7.02
CA ILE A 33 7.51 17.15 6.34
C ILE A 33 8.60 18.18 6.67
N VAL A 34 9.00 18.95 5.67
CA VAL A 34 10.19 19.80 5.86
C VAL A 34 9.85 21.28 5.84
N LYS A 35 8.59 21.65 5.64
CA LYS A 35 8.23 23.09 5.64
C LYS A 35 6.75 23.18 5.97
N ASP A 36 6.38 24.14 6.82
CA ASP A 36 4.95 24.37 7.13
C ASP A 36 4.20 24.62 5.86
N GLU A 37 3.00 24.09 5.73
CA GLU A 37 2.30 24.25 4.47
C GLU A 37 0.81 24.06 4.73
N VAL A 38 -0.04 24.75 3.96
CA VAL A 38 -1.49 24.63 4.10
C VAL A 38 -2.06 23.89 2.93
N LEU A 39 -2.72 22.73 3.13
CA LEU A 39 -3.31 21.97 2.03
C LEU A 39 -4.74 22.46 1.86
N LYS A 40 -5.16 22.77 0.65
CA LYS A 40 -6.48 23.29 0.35
C LYS A 40 -7.53 22.19 0.65
N PRO A 41 -8.76 22.61 0.98
CA PRO A 41 -9.84 21.64 1.16
C PRO A 41 -10.08 20.87 -0.05
N LYS A 42 -10.51 19.61 0.10
CA LYS A 42 -11.00 18.81 -1.03
C LYS A 42 -10.05 18.82 -2.22
N SER A 43 -8.76 18.65 -1.96
CA SER A 43 -7.72 18.82 -2.99
C SER A 43 -6.61 17.76 -2.85
N THR A 44 -5.84 17.59 -3.91
CA THR A 44 -4.61 16.77 -3.87
C THR A 44 -3.45 17.74 -3.85
N THR A 45 -2.56 17.66 -2.88
CA THR A 45 -1.32 18.48 -2.92
C THR A 45 -0.12 17.58 -3.12
N PHE A 46 0.83 18.02 -3.97
CA PHE A 46 2.03 17.24 -4.22
C PHE A 46 3.09 17.84 -3.29
N VAL A 47 3.32 17.19 -2.12
CA VAL A 47 4.17 17.75 -1.08
C VAL A 47 5.60 17.22 -1.29
N LYS A 48 6.56 18.14 -1.44
CA LYS A 48 7.98 17.79 -1.71
C LYS A 48 8.64 17.47 -0.41
N LEU A 49 9.31 16.34 -0.33
CA LEU A 49 9.91 15.94 0.97
C LEU A 49 11.39 16.39 1.15
N GLY A 50 11.95 17.14 0.20
CA GLY A 50 13.28 17.77 0.49
C GLY A 50 14.48 16.80 0.43
N ILE A 51 14.25 15.62 -0.14
CA ILE A 51 15.23 14.57 -0.26
C ILE A 51 15.10 13.80 -1.57
N LYS A 52 16.21 13.14 -1.95
CA LYS A 52 16.28 12.22 -3.06
C LYS A 52 16.85 10.93 -2.52
N ALA A 53 16.62 9.77 -3.13
CA ALA A 53 17.12 8.57 -2.47
C ALA A 53 17.25 7.43 -3.38
N ILE A 54 18.24 6.57 -3.16
CA ILE A 54 18.29 5.26 -3.81
C ILE A 54 18.38 4.14 -2.80
N ALA A 55 17.89 2.95 -3.14
CA ALA A 55 17.97 1.84 -2.19
C ALA A 55 18.92 0.75 -2.77
N LEU A 56 19.78 0.19 -1.93
CA LEU A 56 20.72 -0.86 -2.37
C LEU A 56 20.37 -2.11 -1.59
N GLN A 57 20.38 -3.26 -2.27
CA GLN A 57 20.16 -4.56 -1.59
C GLN A 57 21.30 -5.50 -1.97
N ASN A 80 28.84 -6.82 -5.54
CA ASN A 80 27.64 -7.65 -5.33
C ASN A 80 26.33 -6.86 -5.08
N ILE A 81 26.31 -5.57 -5.39
CA ILE A 81 25.23 -4.69 -4.90
C ILE A 81 24.29 -4.22 -6.02
N VAL A 82 22.99 -4.32 -5.79
CA VAL A 82 22.08 -3.74 -6.76
C VAL A 82 21.18 -2.64 -6.23
N ASN A 83 20.94 -1.75 -7.15
CA ASN A 83 20.12 -0.62 -6.95
C ASN A 83 18.64 -1.12 -7.10
N THR A 84 17.78 -0.93 -6.11
CA THR A 84 16.39 -1.50 -6.11
C THR A 84 15.26 -0.46 -6.06
N SER A 85 14.11 -0.83 -6.60
CA SER A 85 12.87 -0.13 -6.40
C SER A 85 12.49 -0.15 -4.90
N PHE A 86 11.69 0.81 -4.47
CA PHE A 86 11.18 0.75 -3.09
C PHE A 86 9.78 1.41 -2.98
N LEU A 87 9.19 1.41 -1.76
CA LEU A 87 7.75 1.81 -1.56
C LEU A 87 7.57 2.96 -0.62
N LEU A 88 6.56 3.78 -0.88
CA LEU A 88 6.30 4.90 -0.02
C LEU A 88 4.92 4.63 0.64
N PHE A 89 4.89 4.29 1.92
CA PHE A 89 3.60 3.94 2.60
C PHE A 89 3.15 5.14 3.40
N PRO A 90 1.81 5.29 3.56
CA PRO A 90 1.36 6.18 4.63
C PRO A 90 1.83 5.65 5.96
N ARG A 91 2.10 6.52 6.93
CA ARG A 91 2.24 6.04 8.33
C ARG A 91 0.85 5.67 8.86
N SER A 92 0.79 4.66 9.75
CA SER A 92 -0.39 4.26 10.47
C SER A 92 -1.13 5.45 10.99
N SER A 93 -0.39 6.35 11.58
CA SER A 93 -1.05 7.46 12.36
C SER A 93 -1.70 8.50 11.38
N ILE A 94 -1.45 8.39 10.06
CA ILE A 94 -2.16 9.31 9.13
C ILE A 94 -3.67 9.13 9.21
N SER A 95 -4.06 7.94 9.58
CA SER A 95 -5.47 7.54 9.73
C SER A 95 -6.32 8.50 10.58
N LYS A 96 -5.73 9.03 11.64
CA LYS A 96 -6.45 10.00 12.55
C LYS A 96 -6.63 11.37 11.91
N THR A 97 -5.97 11.64 10.76
CA THR A 97 -6.09 12.91 10.03
C THR A 97 -7.09 12.66 8.86
N PRO A 98 -7.49 13.71 8.13
CA PRO A 98 -8.28 13.55 6.92
C PRO A 98 -7.39 13.34 5.69
N LEU A 99 -6.06 13.23 5.91
CA LEU A 99 -5.09 13.08 4.75
C LEU A 99 -4.92 11.64 4.34
N ARG A 100 -4.98 11.40 3.03
CA ARG A 100 -4.90 10.10 2.45
C ARG A 100 -3.87 10.12 1.27
N LEU A 101 -3.23 8.99 1.03
CA LEU A 101 -2.18 8.99 0.03
C LEU A 101 -2.85 8.77 -1.35
N ALA A 102 -2.76 9.76 -2.24
CA ALA A 102 -3.62 9.63 -3.49
C ALA A 102 -3.34 8.34 -4.27
N ASN A 103 -2.05 7.94 -4.30
CA ASN A 103 -1.71 6.80 -5.17
C ASN A 103 -1.65 5.51 -4.43
N SER A 104 -2.21 5.50 -3.21
CA SER A 104 -2.36 4.35 -2.29
C SER A 104 -1.07 4.03 -1.59
N ILE A 105 -0.17 3.36 -2.34
CA ILE A 105 1.24 3.14 -2.00
C ILE A 105 2.12 3.67 -3.13
N GLY A 106 3.12 4.48 -2.82
CA GLY A 106 3.93 5.02 -3.89
C GLY A 106 4.99 3.99 -4.32
N LEU A 107 5.24 3.90 -5.62
CA LEU A 107 6.23 2.97 -6.17
C LEU A 107 7.42 3.82 -6.64
N ILE A 108 8.54 3.79 -5.92
CA ILE A 108 9.69 4.60 -6.42
C ILE A 108 10.63 3.67 -7.19
N ASP A 109 10.79 3.92 -8.49
CA ASP A 109 11.60 2.96 -9.34
C ASP A 109 13.09 3.04 -9.01
N ALA A 110 13.79 1.95 -9.27
CA ALA A 110 15.30 1.91 -9.11
C ALA A 110 16.06 3.10 -9.75
N GLY A 111 15.49 3.60 -10.85
CA GLY A 111 16.18 4.65 -11.62
C GLY A 111 15.76 6.07 -11.28
N TYR A 112 14.86 6.22 -10.31
CA TYR A 112 14.35 7.55 -10.06
C TYR A 112 15.43 8.32 -9.25
N ARG A 113 15.67 9.54 -9.69
CA ARG A 113 16.67 10.39 -9.08
C ARG A 113 15.98 11.71 -8.71
N GLY A 114 14.67 11.85 -8.93
CA GLY A 114 14.12 13.21 -8.56
C GLY A 114 13.81 13.31 -7.07
N GLU A 115 13.35 14.50 -6.63
CA GLU A 115 12.85 14.74 -5.27
C GLU A 115 11.70 13.76 -4.95
N ILE A 116 11.69 13.19 -3.75
CA ILE A 116 10.61 12.25 -3.34
C ILE A 116 9.38 13.15 -2.99
N ILE A 117 8.20 12.82 -3.49
CA ILE A 117 7.04 13.71 -3.28
C ILE A 117 5.89 12.89 -2.72
N ALA A 118 5.14 13.41 -1.72
CA ALA A 118 3.89 12.68 -1.28
C ALA A 118 2.63 13.32 -1.88
N ALA A 119 1.80 12.55 -2.58
CA ALA A 119 0.57 13.12 -3.17
C ALA A 119 -0.50 12.94 -2.09
N LEU A 120 -0.81 14.01 -1.35
CA LEU A 120 -1.75 13.91 -0.22
C LEU A 120 -3.16 14.48 -0.61
N ASP A 121 -4.18 13.62 -0.58
CA ASP A 121 -5.63 14.05 -0.70
C ASP A 121 -6.03 14.65 0.67
N ASN A 122 -6.43 15.92 0.69
CA ASN A 122 -7.12 16.49 1.83
C ASN A 122 -8.63 16.17 1.69
N THR A 123 -9.12 15.15 2.42
CA THR A 123 -10.52 14.76 2.32
C THR A 123 -11.48 15.66 3.11
N SER A 124 -10.94 16.60 3.88
CA SER A 124 -11.77 17.49 4.72
C SER A 124 -12.23 18.73 3.89
N ASP A 125 -13.26 19.42 4.34
CA ASP A 125 -13.71 20.66 3.71
C ASP A 125 -13.05 21.89 4.30
N GLN A 126 -12.14 21.70 5.25
CA GLN A 126 -11.34 22.79 5.75
C GLN A 126 -9.87 22.66 5.28
N GLU A 127 -9.19 23.79 5.16
CA GLU A 127 -7.79 23.69 4.84
C GLU A 127 -7.09 22.89 5.98
N TYR A 128 -5.99 22.23 5.69
CA TYR A 128 -5.32 21.46 6.71
C TYR A 128 -3.87 21.93 6.82
N HIS A 129 -3.41 22.17 8.04
CA HIS A 129 -2.04 22.69 8.25
C HIS A 129 -1.07 21.54 8.54
N ILE A 130 -0.06 21.35 7.71
CA ILE A 130 1.04 20.41 8.04
C ILE A 130 2.26 21.26 8.47
N LYS A 131 3.05 20.72 9.38
CA LYS A 131 4.14 21.44 9.99
C LYS A 131 5.44 20.71 9.72
N LYS A 132 6.51 21.48 9.54
CA LYS A 132 7.89 20.98 9.59
C LYS A 132 8.07 20.03 10.77
N ASN A 133 8.68 18.84 10.56
CA ASN A 133 8.76 17.78 11.59
C ASN A 133 7.54 16.89 11.72
N ASP A 134 6.37 17.19 11.11
CA ASP A 134 5.31 16.14 11.11
C ASP A 134 5.83 14.88 10.34
N LYS A 135 5.25 13.69 10.58
CA LYS A 135 5.63 12.44 9.91
C LYS A 135 4.38 11.76 9.38
N LEU A 136 4.20 11.73 8.05
CA LEU A 136 2.94 11.27 7.49
C LEU A 136 3.17 10.08 6.66
N VAL A 137 4.43 9.86 6.20
CA VAL A 137 4.70 8.73 5.28
C VAL A 137 6.06 8.11 5.66
N GLN A 138 6.32 6.93 5.13
CA GLN A 138 7.54 6.22 5.48
C GLN A 138 7.99 5.41 4.22
N LEU A 139 9.29 5.19 4.13
CA LEU A 139 9.77 4.40 3.02
C LEU A 139 9.87 2.97 3.46
N VAL A 140 9.53 2.06 2.57
CA VAL A 140 9.56 0.63 2.88
C VAL A 140 10.15 -0.23 1.73
N SER A 141 10.86 -1.30 2.11
CA SER A 141 11.45 -2.23 1.15
C SER A 141 10.39 -3.23 0.65
N PHE A 142 10.40 -3.60 -0.64
CA PHE A 142 9.64 -4.75 -1.11
C PHE A 142 9.83 -6.02 -0.29
N THR A 143 10.98 -6.21 0.36
CA THR A 143 11.23 -7.42 1.20
C THR A 143 10.55 -7.32 2.60
N GLY A 144 10.30 -6.10 3.05
CA GLY A 144 9.74 -5.93 4.38
C GLY A 144 10.81 -5.98 5.44
N GLU A 145 12.06 -6.09 5.04
CA GLU A 145 13.16 -6.29 6.01
C GLU A 145 13.57 -4.97 6.66
N PRO A 146 14.24 -5.01 7.82
CA PRO A 146 14.67 -3.77 8.42
C PRO A 146 15.54 -2.93 7.45
N LEU A 147 15.46 -1.63 7.59
CA LEU A 147 16.10 -0.68 6.68
C LEU A 147 17.16 0.11 7.42
N SER A 148 18.22 0.53 6.74
CA SER A 148 19.08 1.49 7.37
C SER A 148 19.35 2.55 6.33
N PHE A 149 19.89 3.68 6.73
CA PHE A 149 20.23 4.72 5.77
C PHE A 149 21.48 5.53 6.18
N GLU A 150 22.06 6.20 5.19
CA GLU A 150 23.13 7.16 5.42
C GLU A 150 22.88 8.31 4.50
N LEU A 151 23.36 9.47 4.92
CA LEU A 151 23.19 10.66 4.18
C LEU A 151 24.41 10.77 3.32
N VAL A 152 24.23 11.27 2.10
CA VAL A 152 25.23 11.13 1.04
C VAL A 152 25.17 12.47 0.27
N GLU A 153 26.19 12.83 -0.51
CA GLU A 153 26.17 14.12 -1.22
C GLU A 153 25.55 13.93 -2.60
N GLU A 154 25.58 12.72 -3.11
CA GLU A 154 25.02 12.51 -4.43
C GLU A 154 24.60 11.08 -4.57
N LEU A 155 23.68 10.85 -5.51
CA LEU A 155 23.27 9.49 -5.78
C LEU A 155 24.03 8.81 -6.87
N ASP A 156 24.47 9.62 -7.83
CA ASP A 156 25.30 9.12 -8.94
C ASP A 156 25.94 10.36 -9.59
N GLU A 157 26.56 10.18 -10.76
CA GLU A 157 27.40 11.24 -11.35
C GLU A 157 26.55 12.30 -12.01
N THR A 158 25.22 12.06 -12.17
CA THR A 158 24.38 13.00 -12.95
C THR A 158 23.97 14.22 -12.17
N SER A 159 23.70 15.31 -12.88
CA SER A 159 23.21 16.53 -12.19
C SER A 159 21.88 16.25 -11.46
N ARG A 160 20.95 15.57 -12.11
CA ARG A 160 19.73 15.22 -11.34
C ARG A 160 20.09 14.38 -10.08
N GLY A 161 21.08 13.47 -10.18
CA GLY A 161 21.50 12.71 -8.97
C GLY A 161 22.34 13.59 -8.03
N GLU A 162 22.53 14.85 -8.44
CA GLU A 162 23.27 15.85 -7.64
C GLU A 162 24.80 15.60 -7.62
N GLY A 163 25.31 14.79 -8.56
CA GLY A 163 26.74 14.47 -8.57
C GLY A 163 27.46 15.14 -9.73
N GLY A 164 28.73 14.75 -9.91
CA GLY A 164 29.48 15.04 -11.14
C GLY A 164 30.02 16.49 -11.17
N PHE A 165 30.67 16.91 -12.26
CA PHE A 165 31.43 18.18 -12.29
C PHE A 165 30.49 19.38 -12.13
N GLY A 166 30.91 20.41 -11.38
CA GLY A 166 30.25 21.74 -11.50
C GLY A 166 28.88 21.90 -10.86
N SER A 167 28.11 22.87 -11.36
CA SER A 167 26.71 23.08 -10.95
C SER A 167 26.59 24.38 -10.18
N MET B 1 10.24 -12.32 -12.51
CA MET B 1 8.81 -11.98 -12.73
C MET B 1 8.48 -11.99 -14.22
N HIS B 2 7.85 -13.06 -14.69
CA HIS B 2 7.36 -13.10 -16.06
C HIS B 2 5.88 -13.43 -16.15
N LEU B 3 5.15 -12.56 -16.85
CA LEU B 3 3.71 -12.69 -17.15
C LEU B 3 3.46 -13.28 -18.52
N LYS B 4 2.54 -14.25 -18.57
CA LYS B 4 1.92 -14.67 -19.83
C LYS B 4 0.55 -13.99 -19.79
N ILE B 5 0.27 -13.14 -20.77
CA ILE B 5 -0.97 -12.39 -20.88
C ILE B 5 -1.82 -12.87 -22.06
N VAL B 6 -3.11 -13.15 -21.84
CA VAL B 6 -4.04 -13.48 -22.90
C VAL B 6 -4.86 -12.24 -23.18
N CYS B 7 -4.80 -11.67 -24.39
CA CYS B 7 -5.72 -10.57 -24.73
C CYS B 7 -7.08 -11.11 -25.10
N LEU B 8 -8.11 -10.27 -24.99
CA LEU B 8 -9.49 -10.80 -25.07
C LEU B 8 -10.18 -10.43 -26.37
N SER B 9 -9.81 -9.30 -26.95
CA SER B 9 -10.24 -8.96 -28.29
C SER B 9 -8.99 -8.67 -29.10
N ASP B 10 -9.11 -8.70 -30.42
CA ASP B 10 -8.00 -8.37 -31.31
C ASP B 10 -7.50 -6.95 -31.11
N GLU B 11 -8.40 -6.01 -30.92
CA GLU B 11 -7.88 -4.64 -30.79
C GLU B 11 -7.06 -4.43 -29.49
N VAL B 12 -7.19 -5.39 -28.55
CA VAL B 12 -6.44 -5.35 -27.28
C VAL B 12 -5.08 -6.00 -27.52
N ARG B 13 -5.09 -7.18 -28.19
CA ARG B 13 -3.90 -7.73 -28.87
C ARG B 13 -3.02 -6.59 -29.44
N GLU B 14 -3.61 -5.74 -30.28
CA GLU B 14 -2.87 -4.69 -30.99
C GLU B 14 -2.19 -3.73 -30.02
N MET B 15 -2.95 -3.28 -29.02
CA MET B 15 -2.47 -2.37 -27.98
C MET B 15 -1.23 -2.92 -27.28
N TYR B 16 -1.22 -4.21 -26.97
CA TYR B 16 -0.12 -4.78 -26.20
C TYR B 16 1.11 -5.18 -27.04
N LYS B 17 0.91 -5.45 -28.35
CA LYS B 17 2.03 -5.53 -29.32
C LYS B 17 2.72 -4.14 -29.44
N ASN B 18 1.93 -3.08 -29.43
CA ASN B 18 2.45 -1.71 -29.52
C ASN B 18 2.73 -1.01 -28.15
N HIS B 19 3.64 -1.55 -27.34
CA HIS B 19 3.98 -0.95 -26.03
C HIS B 19 4.60 -0.33 -25.95
N ASP B 26 9.68 0.86 -14.67
CA ASP B 26 10.43 -0.37 -14.85
C ASP B 26 10.03 -1.49 -13.91
N SER B 27 9.82 -1.26 -12.79
CA SER B 27 9.26 -2.20 -11.82
C SER B 27 7.81 -2.65 -12.04
N GLY B 28 6.99 -1.81 -12.66
CA GLY B 28 5.60 -2.17 -12.94
C GLY B 28 5.28 -2.13 -14.43
N LEU B 29 4.38 -2.98 -14.89
CA LEU B 29 3.87 -2.96 -16.28
C LEU B 29 2.53 -2.27 -16.42
N ASP B 30 2.51 -1.13 -17.09
CA ASP B 30 1.29 -0.36 -17.30
C ASP B 30 0.23 -1.16 -18.04
N LEU B 31 -1.03 -1.08 -17.55
CA LEU B 31 -2.16 -1.68 -18.24
C LEU B 31 -2.99 -0.54 -18.89
N PHE B 32 -3.65 -0.86 -20.01
CA PHE B 32 -4.39 0.14 -20.78
C PHE B 32 -5.86 0.13 -20.37
N ILE B 33 -6.47 1.30 -20.35
CA ILE B 33 -7.94 1.32 -20.47
C ILE B 33 -8.27 0.94 -21.94
N VAL B 34 -9.23 0.04 -22.06
CA VAL B 34 -9.43 -0.73 -23.24
C VAL B 34 -10.67 -0.24 -24.03
N LYS B 35 -11.47 0.62 -23.43
CA LYS B 35 -12.71 1.11 -24.07
C LYS B 35 -13.15 2.38 -23.37
N ASP B 36 -13.64 3.38 -24.12
CA ASP B 36 -14.08 4.65 -23.51
C ASP B 36 -15.21 4.37 -22.53
N GLU B 37 -15.37 5.21 -21.52
CA GLU B 37 -16.32 4.89 -20.45
C GLU B 37 -16.45 6.11 -19.62
N VAL B 38 -17.67 6.35 -19.15
CA VAL B 38 -17.90 7.47 -18.25
C VAL B 38 -18.11 6.90 -16.83
N LEU B 39 -17.39 7.45 -15.85
CA LEU B 39 -17.60 6.99 -14.46
C LEU B 39 -18.46 8.04 -13.78
N LYS B 40 -19.57 7.59 -13.20
CA LYS B 40 -20.45 8.51 -12.48
C LYS B 40 -19.74 9.22 -11.31
N PRO B 41 -20.26 10.38 -10.94
CA PRO B 41 -19.80 11.11 -9.79
C PRO B 41 -20.02 10.25 -8.54
N LYS B 42 -19.05 10.29 -7.62
CA LYS B 42 -19.16 9.58 -6.30
C LYS B 42 -19.54 8.16 -6.46
N SER B 43 -18.71 7.40 -7.11
CA SER B 43 -19.14 6.08 -7.46
C SER B 43 -17.90 5.18 -7.42
N THR B 44 -18.19 3.91 -7.54
CA THR B 44 -17.18 2.90 -7.68
C THR B 44 -17.54 2.10 -8.92
N THR B 45 -16.61 1.95 -9.86
CA THR B 45 -16.93 1.23 -11.11
C THR B 45 -15.91 0.16 -11.31
N PHE B 46 -16.36 -1.04 -11.64
CA PHE B 46 -15.47 -2.14 -11.93
C PHE B 46 -15.07 -2.09 -13.40
N VAL B 47 -13.84 -1.67 -13.68
CA VAL B 47 -13.44 -1.45 -15.07
C VAL B 47 -12.65 -2.67 -15.57
N LYS B 48 -13.25 -3.37 -16.54
CA LYS B 48 -12.64 -4.59 -17.16
C LYS B 48 -11.45 -4.20 -18.03
N LEU B 49 -10.34 -4.93 -17.91
CA LEU B 49 -9.12 -4.45 -18.62
C LEU B 49 -8.77 -5.18 -19.94
N GLY B 50 -9.62 -6.12 -20.34
CA GLY B 50 -9.44 -6.79 -21.63
C GLY B 50 -8.40 -7.88 -21.59
N ILE B 51 -7.94 -8.29 -20.41
CA ILE B 51 -6.86 -9.29 -20.33
C ILE B 51 -7.01 -10.24 -19.15
N LYS B 52 -6.46 -11.44 -19.32
CA LYS B 52 -6.24 -12.40 -18.24
C LYS B 52 -4.75 -12.52 -18.20
N ALA B 53 -4.18 -13.04 -17.10
CA ALA B 53 -2.72 -13.06 -16.95
C ALA B 53 -2.26 -14.01 -15.88
N ILE B 54 -1.13 -14.68 -16.09
CA ILE B 54 -0.55 -15.49 -15.03
C ILE B 54 0.87 -14.98 -14.86
N ALA B 55 1.51 -15.35 -13.77
CA ALA B 55 2.87 -14.90 -13.52
C ALA B 55 3.74 -16.05 -13.11
N LEU B 56 4.97 -15.98 -13.59
CA LEU B 56 5.97 -17.02 -13.39
C LEU B 56 7.21 -16.38 -12.84
N GLN B 57 7.77 -17.04 -11.82
CA GLN B 57 8.92 -16.51 -11.08
C GLN B 57 9.49 -17.63 -10.23
N ASN B 83 4.48 -20.69 -10.25
CA ASN B 83 3.28 -19.91 -10.50
C ASN B 83 2.96 -19.00 -9.31
N THR B 84 2.89 -17.68 -9.54
CA THR B 84 2.85 -16.72 -8.42
C THR B 84 1.73 -15.66 -8.40
N SER B 85 1.44 -15.16 -7.18
CA SER B 85 0.61 -13.97 -6.93
C SER B 85 1.29 -12.73 -7.45
N PHE B 86 0.51 -11.71 -7.73
CA PHE B 86 1.11 -10.46 -8.13
C PHE B 86 0.15 -9.33 -7.73
N LEU B 87 0.57 -8.08 -8.02
CA LEU B 87 -0.11 -6.88 -7.47
C LEU B 87 -0.59 -5.95 -8.54
N LEU B 88 -1.72 -5.31 -8.29
CA LEU B 88 -2.19 -4.20 -9.12
C LEU B 88 -2.09 -2.86 -8.39
N PHE B 89 -1.13 -2.01 -8.77
CA PHE B 89 -0.97 -0.70 -8.20
C PHE B 89 -1.62 0.37 -9.10
N PRO B 90 -2.11 1.45 -8.49
CA PRO B 90 -2.40 2.64 -9.31
C PRO B 90 -1.09 3.15 -9.90
N ARG B 91 -1.16 3.90 -11.03
CA ARG B 91 0.04 4.52 -11.55
C ARG B 91 0.12 5.81 -10.77
N SER B 92 1.37 6.29 -10.56
CA SER B 92 1.60 7.57 -9.95
C SER B 92 0.74 8.67 -10.50
N SER B 93 0.62 8.70 -11.82
CA SER B 93 -0.13 9.84 -12.49
C SER B 93 -1.65 9.80 -12.19
N ILE B 94 -2.19 8.69 -11.70
CA ILE B 94 -3.66 8.71 -11.27
C ILE B 94 -3.95 9.85 -10.31
N SER B 95 -2.93 10.30 -9.59
CA SER B 95 -3.10 11.29 -8.53
C SER B 95 -3.65 12.61 -8.96
N LYS B 96 -3.40 12.95 -10.23
CA LYS B 96 -3.82 14.22 -10.84
C LYS B 96 -5.32 14.15 -11.13
N THR B 97 -5.82 12.94 -11.23
CA THR B 97 -7.23 12.69 -11.56
C THR B 97 -8.00 12.53 -10.25
N PRO B 98 -9.34 12.37 -10.32
CA PRO B 98 -10.03 12.16 -9.06
C PRO B 98 -10.33 10.67 -8.84
N LEU B 99 -9.77 9.80 -9.67
CA LEU B 99 -9.94 8.38 -9.52
C LEU B 99 -8.94 7.72 -8.52
N ARG B 100 -9.47 6.79 -7.72
CA ARG B 100 -8.64 6.10 -6.67
C ARG B 100 -8.94 4.66 -6.74
N LEU B 101 -7.97 3.82 -6.49
CA LEU B 101 -8.27 2.41 -6.50
C LEU B 101 -8.96 1.99 -5.21
N ALA B 102 -10.12 1.31 -5.31
CA ALA B 102 -11.03 1.16 -4.19
C ALA B 102 -10.44 0.17 -3.15
N ASN B 103 -9.80 -0.87 -3.63
CA ASN B 103 -9.24 -1.82 -2.76
C ASN B 103 -7.71 -1.53 -2.43
N SER B 104 -7.28 -0.28 -2.61
CA SER B 104 -5.94 0.26 -2.29
C SER B 104 -4.88 -0.29 -3.24
N ILE B 105 -4.56 -1.56 -3.08
CA ILE B 105 -3.67 -2.33 -4.00
C ILE B 105 -4.35 -3.63 -4.26
N GLY B 106 -4.56 -4.00 -5.54
CA GLY B 106 -5.21 -5.27 -5.83
C GLY B 106 -4.29 -6.45 -5.58
N LEU B 107 -4.81 -7.54 -5.03
CA LEU B 107 -4.02 -8.70 -4.82
C LEU B 107 -4.55 -9.77 -5.77
N ILE B 108 -3.69 -10.20 -6.70
CA ILE B 108 -4.13 -11.21 -7.70
C ILE B 108 -3.47 -12.50 -7.43
N ASP B 109 -4.29 -13.40 -6.92
CA ASP B 109 -3.84 -14.70 -6.42
C ASP B 109 -3.27 -15.59 -7.53
N ALA B 110 -2.26 -16.38 -7.23
CA ALA B 110 -1.64 -17.32 -8.19
C ALA B 110 -2.74 -18.09 -8.96
N GLY B 111 -3.72 -18.61 -8.23
CA GLY B 111 -4.89 -19.28 -8.83
C GLY B 111 -5.86 -18.53 -9.76
N TYR B 112 -5.75 -17.21 -9.92
CA TYR B 112 -6.81 -16.51 -10.64
C TYR B 112 -6.67 -16.68 -12.15
N ARG B 113 -7.73 -17.13 -12.83
CA ARG B 113 -7.73 -17.21 -14.32
C ARG B 113 -8.65 -16.19 -15.00
N GLY B 114 -9.34 -15.37 -14.21
CA GLY B 114 -10.37 -14.47 -14.76
C GLY B 114 -9.85 -13.23 -15.43
N GLU B 115 -10.73 -12.44 -16.00
CA GLU B 115 -10.28 -11.20 -16.56
C GLU B 115 -9.79 -10.28 -15.38
N ILE B 116 -8.85 -9.39 -15.66
CA ILE B 116 -8.25 -8.52 -14.67
C ILE B 116 -9.12 -7.28 -14.62
N ILE B 117 -9.49 -6.83 -13.41
CA ILE B 117 -10.47 -5.77 -13.22
C ILE B 117 -9.95 -4.69 -12.29
N ALA B 118 -10.07 -3.43 -12.65
CA ALA B 118 -9.70 -2.40 -11.69
C ALA B 118 -10.96 -1.79 -11.07
N ALA B 119 -10.99 -1.75 -9.74
CA ALA B 119 -12.11 -1.07 -9.03
C ALA B 119 -11.72 0.33 -8.79
N LEU B 120 -12.39 1.28 -9.44
CA LEU B 120 -11.99 2.66 -9.39
C LEU B 120 -13.11 3.48 -8.74
N ASP B 121 -12.75 4.32 -7.78
CA ASP B 121 -13.71 5.20 -7.16
C ASP B 121 -13.48 6.44 -7.87
N ASN B 122 -14.57 7.15 -8.20
CA ASN B 122 -14.47 8.52 -8.68
C ASN B 122 -14.88 9.40 -7.57
N THR B 123 -13.93 10.17 -7.07
CA THR B 123 -14.12 10.87 -5.81
C THR B 123 -14.66 12.25 -6.12
N SER B 124 -14.89 12.51 -7.39
CA SER B 124 -15.30 13.82 -7.85
C SER B 124 -16.86 13.94 -7.79
N ASP B 125 -17.33 15.17 -7.59
CA ASP B 125 -18.75 15.51 -7.86
C ASP B 125 -19.13 15.51 -9.34
N GLN B 126 -18.18 15.30 -10.25
CA GLN B 126 -18.50 15.24 -11.69
C GLN B 126 -18.17 13.92 -12.32
N GLU B 127 -18.85 13.64 -13.42
CA GLU B 127 -18.51 12.48 -14.18
C GLU B 127 -17.05 12.63 -14.67
N TYR B 128 -16.41 11.51 -14.93
CA TYR B 128 -15.02 11.54 -15.38
C TYR B 128 -14.96 10.58 -16.55
N HIS B 129 -14.33 11.00 -17.66
CA HIS B 129 -14.30 10.16 -18.90
C HIS B 129 -12.95 9.53 -18.98
N ILE B 130 -12.89 8.21 -19.13
CA ILE B 130 -11.65 7.44 -19.34
C ILE B 130 -11.67 6.85 -20.78
N LYS B 131 -10.53 6.89 -21.46
CA LYS B 131 -10.49 6.63 -22.92
C LYS B 131 -9.67 5.40 -23.25
N LYS B 132 -9.97 4.75 -24.38
CA LYS B 132 -9.09 3.67 -24.87
C LYS B 132 -7.65 4.21 -24.80
N ASN B 133 -6.70 3.38 -24.35
CA ASN B 133 -5.27 3.82 -24.22
C ASN B 133 -4.82 4.57 -22.99
N ASP B 134 -5.74 5.12 -22.20
CA ASP B 134 -5.34 5.70 -20.89
C ASP B 134 -4.57 4.64 -20.06
N LYS B 135 -3.61 5.12 -19.28
CA LYS B 135 -2.85 4.24 -18.40
C LYS B 135 -3.04 4.66 -16.93
N LEU B 136 -3.83 3.89 -16.21
CA LEU B 136 -4.25 4.31 -14.82
C LEU B 136 -3.68 3.38 -13.73
N VAL B 137 -3.34 2.18 -14.18
CA VAL B 137 -3.06 1.05 -13.34
C VAL B 137 -1.83 0.26 -13.89
N GLN B 138 -1.10 -0.42 -13.01
CA GLN B 138 0.06 -1.22 -13.41
C GLN B 138 0.16 -2.48 -12.65
N LEU B 139 0.73 -3.49 -13.28
CA LEU B 139 0.97 -4.73 -12.56
C LEU B 139 2.39 -4.74 -11.98
N VAL B 140 2.52 -5.38 -10.81
CA VAL B 140 3.79 -5.40 -10.09
C VAL B 140 3.97 -6.65 -9.30
N SER B 141 5.22 -7.04 -9.13
CA SER B 141 5.53 -8.32 -8.50
C SER B 141 5.82 -8.03 -7.04
N PHE B 142 5.57 -8.99 -6.18
CA PHE B 142 5.98 -8.89 -4.78
C PHE B 142 7.46 -8.64 -4.52
N THR B 143 8.33 -8.91 -5.48
CA THR B 143 9.76 -8.68 -5.29
C THR B 143 10.13 -7.27 -5.72
N GLY B 144 9.25 -6.64 -6.48
CA GLY B 144 9.59 -5.34 -6.98
C GLY B 144 10.60 -5.33 -8.13
N GLU B 145 10.91 -6.52 -8.64
CA GLU B 145 11.88 -6.62 -9.76
C GLU B 145 11.23 -6.37 -11.11
N PRO B 146 12.01 -5.83 -12.08
CA PRO B 146 11.40 -5.39 -13.35
C PRO B 146 10.72 -6.56 -14.03
N LEU B 147 9.67 -6.27 -14.78
CA LEU B 147 8.74 -7.29 -15.19
C LEU B 147 8.87 -7.53 -16.72
N SER B 148 8.61 -8.76 -17.15
CA SER B 148 8.57 -9.15 -18.59
C SER B 148 7.30 -9.95 -18.91
N PHE B 149 6.76 -9.73 -20.11
CA PHE B 149 5.54 -10.38 -20.53
C PHE B 149 5.61 -10.84 -21.99
N GLU B 150 4.79 -11.85 -22.30
CA GLU B 150 4.55 -12.30 -23.66
C GLU B 150 3.06 -12.47 -23.82
N LEU B 151 2.53 -12.06 -24.97
CA LEU B 151 1.14 -12.36 -25.33
C LEU B 151 1.00 -13.87 -25.62
N VAL B 152 -0.20 -14.44 -25.52
CA VAL B 152 -0.38 -15.92 -25.47
C VAL B 152 -1.80 -16.33 -25.86
N GLU B 153 -2.57 -16.80 -26.04
CA GLU B 153 -3.94 -17.05 -26.40
C GLU B 153 -4.60 -18.12 -25.53
N GLU B 154 -3.84 -18.74 -24.64
CA GLU B 154 -4.45 -19.63 -23.69
C GLU B 154 -3.63 -19.76 -22.40
N MET C 1 5.30 -18.63 4.71
CA MET C 1 5.09 -17.78 5.92
C MET C 1 4.10 -18.44 6.86
N HIS C 2 4.42 -18.47 8.14
CA HIS C 2 3.48 -19.12 9.07
C HIS C 2 3.07 -18.15 10.14
N LEU C 3 1.77 -17.95 10.33
CA LEU C 3 1.26 -17.04 11.37
C LEU C 3 0.86 -17.81 12.62
N LYS C 4 1.21 -17.26 13.77
CA LYS C 4 0.77 -17.76 15.04
C LYS C 4 -0.16 -16.72 15.64
N ILE C 5 -1.41 -17.12 15.91
CA ILE C 5 -2.47 -16.16 16.27
C ILE C 5 -2.99 -16.46 17.67
N VAL C 6 -3.03 -15.45 18.55
CA VAL C 6 -3.74 -15.58 19.82
C VAL C 6 -5.11 -14.96 19.69
N CYS C 7 -6.18 -15.75 19.91
CA CYS C 7 -7.53 -15.18 20.00
C CYS C 7 -7.75 -14.57 21.38
N LEU C 8 -8.34 -13.38 21.43
CA LEU C 8 -8.43 -12.63 22.68
C LEU C 8 -9.73 -12.95 23.46
N SER C 9 -10.59 -13.78 22.91
CA SER C 9 -11.71 -14.32 23.68
C SER C 9 -12.03 -15.66 23.08
N ASP C 10 -12.80 -16.48 23.80
CA ASP C 10 -13.22 -17.81 23.33
C ASP C 10 -14.13 -17.75 22.09
N GLU C 11 -15.05 -16.81 22.11
CA GLU C 11 -15.84 -16.48 20.90
C GLU C 11 -15.01 -16.28 19.63
N VAL C 12 -13.93 -15.52 19.77
CA VAL C 12 -13.05 -15.37 18.62
C VAL C 12 -12.35 -16.68 18.28
N ARG C 13 -11.87 -17.38 19.32
CA ARG C 13 -11.28 -18.71 19.08
C ARG C 13 -12.21 -19.65 18.26
N GLU C 14 -13.51 -19.66 18.58
CA GLU C 14 -14.46 -20.45 17.80
C GLU C 14 -14.48 -20.07 16.34
N MET C 15 -14.34 -18.78 16.03
CA MET C 15 -14.48 -18.35 14.62
C MET C 15 -13.27 -18.83 13.85
N TYR C 16 -12.07 -18.73 14.43
CA TYR C 16 -10.86 -19.10 13.70
C TYR C 16 -10.64 -20.63 13.64
N LYS C 17 -11.07 -21.35 14.67
CA LYS C 17 -11.13 -22.84 14.60
C LYS C 17 -12.01 -23.30 13.39
N ASN C 18 -13.19 -22.70 13.21
CA ASN C 18 -14.08 -23.05 12.10
C ASN C 18 -13.99 -22.11 10.89
N HIS C 19 -12.77 -21.81 10.40
CA HIS C 19 -12.52 -20.81 9.34
C HIS C 19 -13.12 -21.16 7.99
N SER C 27 -2.74 -17.17 -0.48
CA SER C 27 -2.12 -15.82 -0.62
C SER C 27 -2.44 -14.79 0.50
N GLY C 28 -3.73 -14.44 0.63
CA GLY C 28 -4.26 -13.62 1.67
C GLY C 28 -4.92 -14.49 2.70
N LEU C 29 -4.77 -14.19 3.98
CA LEU C 29 -5.62 -14.85 4.97
C LEU C 29 -6.71 -13.89 5.48
N ASP C 30 -7.96 -14.28 5.37
CA ASP C 30 -9.04 -13.35 5.70
C ASP C 30 -9.17 -13.24 7.19
N LEU C 31 -9.39 -12.02 7.71
CA LEU C 31 -9.68 -11.84 9.16
C LEU C 31 -11.16 -11.50 9.32
N PHE C 32 -11.74 -11.93 10.43
CA PHE C 32 -13.14 -11.58 10.73
C PHE C 32 -13.39 -10.27 11.47
N ILE C 33 -14.53 -9.61 11.18
CA ILE C 33 -15.10 -8.69 12.10
C ILE C 33 -15.60 -9.56 13.29
N VAL C 34 -15.27 -9.18 14.52
CA VAL C 34 -15.60 -10.07 15.63
C VAL C 34 -16.79 -9.59 16.50
N LYS C 35 -17.30 -8.37 16.27
CA LYS C 35 -18.47 -7.91 16.97
C LYS C 35 -19.24 -6.91 16.09
N ASP C 36 -20.59 -6.90 16.21
CA ASP C 36 -21.44 -5.99 15.44
C ASP C 36 -21.11 -4.64 15.92
N GLU C 37 -21.11 -3.67 15.01
CA GLU C 37 -20.71 -2.33 15.38
C GLU C 37 -21.23 -1.38 14.33
N VAL C 38 -21.53 -0.14 14.70
CA VAL C 38 -22.07 0.81 13.76
C VAL C 38 -20.99 1.85 13.52
N LEU C 39 -20.56 2.02 12.26
CA LEU C 39 -19.65 3.11 11.91
C LEU C 39 -20.42 4.41 11.59
N LYS C 40 -19.99 5.50 12.17
CA LYS C 40 -20.66 6.74 11.97
C LYS C 40 -20.42 7.24 10.56
N PRO C 41 -21.29 8.15 10.08
CA PRO C 41 -21.11 8.66 8.71
C PRO C 41 -19.81 9.47 8.62
N LYS C 42 -19.13 9.42 7.46
CA LYS C 42 -17.97 10.33 7.24
C LYS C 42 -16.97 10.24 8.39
N SER C 43 -16.47 9.03 8.65
CA SER C 43 -15.67 8.87 9.85
C SER C 43 -14.52 7.93 9.54
N THR C 44 -13.55 7.89 10.46
CA THR C 44 -12.55 6.84 10.50
C THR C 44 -12.75 6.15 11.85
N THR C 45 -12.84 4.81 11.88
CA THR C 45 -13.04 4.04 13.09
C THR C 45 -11.91 3.01 13.15
N PHE C 46 -11.27 2.88 14.31
CA PHE C 46 -10.30 1.81 14.54
C PHE C 46 -11.08 0.60 14.97
N VAL C 47 -11.20 -0.40 14.11
CA VAL C 47 -11.97 -1.55 14.41
C VAL C 47 -11.02 -2.63 14.98
N LYS C 48 -11.27 -3.06 16.24
CA LYS C 48 -10.36 -4.05 16.91
C LYS C 48 -10.71 -5.44 16.39
N LEU C 49 -9.74 -6.24 15.98
CA LEU C 49 -10.07 -7.54 15.32
C LEU C 49 -9.93 -8.78 16.25
N GLY C 50 -9.67 -8.54 17.56
CA GLY C 50 -9.75 -9.59 18.61
C GLY C 50 -8.65 -10.65 18.51
N ILE C 51 -7.56 -10.37 17.82
CA ILE C 51 -6.45 -11.29 17.71
C ILE C 51 -5.16 -10.54 17.87
N LYS C 52 -4.11 -11.22 18.30
CA LYS C 52 -2.72 -10.72 18.15
C LYS C 52 -2.03 -11.76 17.26
N ALA C 53 -0.93 -11.44 16.59
CA ALA C 53 -0.36 -12.42 15.64
C ALA C 53 1.09 -12.14 15.37
N ILE C 54 1.83 -13.21 15.11
CA ILE C 54 3.26 -13.13 14.71
C ILE C 54 3.43 -13.94 13.47
N ALA C 55 4.33 -13.49 12.59
CA ALA C 55 4.61 -14.22 11.35
C ALA C 55 6.05 -14.75 11.45
N LEU C 56 6.19 -16.03 11.13
CA LEU C 56 7.45 -16.77 11.22
C LEU C 56 7.87 -17.24 9.84
N GLN C 57 9.16 -17.09 9.54
CA GLN C 57 9.75 -17.51 8.25
C GLN C 57 10.57 -18.81 8.30
N VAL C 82 12.50 -17.20 11.69
CA VAL C 82 12.41 -16.08 12.65
C VAL C 82 11.27 -15.08 12.34
N ASN C 83 10.99 -14.16 13.28
CA ASN C 83 9.85 -13.20 13.19
C ASN C 83 9.98 -12.26 11.99
N THR C 84 8.86 -12.09 11.31
CA THR C 84 8.82 -11.23 10.15
C THR C 84 7.65 -10.20 10.17
N SER C 85 7.87 -9.08 9.46
CA SER C 85 6.87 -8.02 9.20
C SER C 85 5.82 -8.58 8.27
N PHE C 86 4.60 -8.04 8.29
CA PHE C 86 3.60 -8.52 7.33
C PHE C 86 2.57 -7.41 7.04
N LEU C 87 1.56 -7.68 6.18
CA LEU C 87 0.76 -6.60 5.60
C LEU C 87 -0.67 -6.85 5.81
N LEU C 88 -1.42 -5.78 6.00
CA LEU C 88 -2.90 -5.93 6.15
C LEU C 88 -3.53 -5.20 4.94
N PHE C 89 -4.12 -5.98 4.05
CA PHE C 89 -4.75 -5.47 2.83
C PHE C 89 -6.26 -5.41 3.03
N PRO C 90 -6.91 -4.54 2.31
CA PRO C 90 -8.38 -4.77 2.23
C PRO C 90 -8.68 -5.96 1.40
N ARG C 91 -9.82 -6.61 1.64
CA ARG C 91 -10.24 -7.64 0.69
C ARG C 91 -10.78 -6.97 -0.56
N SER C 92 -10.67 -7.65 -1.71
CA SER C 92 -11.22 -7.16 -2.95
C SER C 92 -12.66 -6.70 -2.81
N SER C 93 -13.49 -7.53 -2.18
CA SER C 93 -14.94 -7.26 -2.05
C SER C 93 -15.33 -6.03 -1.22
N ILE C 94 -14.39 -5.46 -0.44
CA ILE C 94 -14.66 -4.19 0.30
C ILE C 94 -15.08 -3.09 -0.71
N SER C 95 -14.66 -3.27 -1.97
CA SER C 95 -14.89 -2.24 -3.02
C SER C 95 -16.38 -1.93 -3.27
N LYS C 96 -17.21 -2.92 -3.07
CA LYS C 96 -18.66 -2.68 -3.28
C LYS C 96 -19.32 -1.91 -2.14
N THR C 97 -18.58 -1.70 -1.02
CA THR C 97 -19.17 -1.04 0.17
C THR C 97 -18.63 0.32 0.06
N PRO C 98 -19.00 1.20 0.94
CA PRO C 98 -18.31 2.49 1.04
C PRO C 98 -17.10 2.51 2.02
N LEU C 99 -16.64 1.35 2.51
CA LEU C 99 -15.56 1.33 3.53
C LEU C 99 -14.24 1.20 2.81
N ARG C 100 -13.25 1.99 3.26
CA ARG C 100 -11.91 1.98 2.65
C ARG C 100 -10.85 1.96 3.77
N LEU C 101 -9.69 1.40 3.46
CA LEU C 101 -8.66 1.30 4.52
C LEU C 101 -7.93 2.60 4.61
N ALA C 102 -8.01 3.31 5.77
CA ALA C 102 -7.54 4.71 5.88
C ALA C 102 -5.99 4.84 5.61
N ASN C 103 -5.25 3.83 6.08
CA ASN C 103 -3.79 3.91 5.89
C ASN C 103 -3.33 3.11 4.65
N SER C 104 -4.24 2.90 3.67
CA SER C 104 -4.03 2.14 2.36
C SER C 104 -3.73 0.69 2.52
N ILE C 105 -2.55 0.39 3.10
CA ILE C 105 -2.15 -1.02 3.40
C ILE C 105 -1.48 -0.92 4.75
N GLY C 106 -1.89 -1.74 5.68
CA GLY C 106 -1.24 -1.62 7.01
C GLY C 106 0.07 -2.41 7.02
N LEU C 107 1.08 -1.83 7.66
CA LEU C 107 2.37 -2.48 7.84
C LEU C 107 2.42 -2.95 9.32
N ILE C 108 2.52 -4.25 9.56
CA ILE C 108 2.64 -4.78 10.95
C ILE C 108 4.13 -5.19 11.21
N ASP C 109 4.89 -4.50 12.06
CA ASP C 109 6.33 -4.84 12.25
C ASP C 109 6.54 -6.22 12.88
N ALA C 110 7.69 -6.83 12.57
CA ALA C 110 8.12 -8.11 13.22
C ALA C 110 7.89 -8.09 14.76
N GLY C 111 8.20 -6.97 15.37
CA GLY C 111 7.98 -6.90 16.83
C GLY C 111 6.58 -7.40 17.20
N TYR C 112 5.62 -6.71 16.60
CA TYR C 112 4.42 -6.23 17.23
C TYR C 112 3.55 -7.26 17.90
N ARG C 113 3.12 -6.92 19.14
CA ARG C 113 2.39 -7.85 20.00
C ARG C 113 1.07 -7.20 20.35
N GLY C 114 0.72 -6.08 19.70
CA GLY C 114 -0.58 -5.44 20.06
C GLY C 114 -1.74 -6.17 19.36
N GLU C 115 -2.96 -5.86 19.77
CA GLU C 115 -4.13 -6.34 19.06
C GLU C 115 -4.15 -5.79 17.59
N ILE C 116 -4.52 -6.60 16.60
CA ILE C 116 -4.54 -6.12 15.18
C ILE C 116 -5.83 -5.25 15.01
N ILE C 117 -5.70 -4.08 14.40
CA ILE C 117 -6.79 -3.06 14.23
C ILE C 117 -6.85 -2.68 12.78
N ALA C 118 -8.07 -2.61 12.23
CA ALA C 118 -8.29 -2.10 10.86
C ALA C 118 -8.79 -0.67 10.99
N ALA C 119 -8.10 0.30 10.38
CA ALA C 119 -8.55 1.70 10.38
C ALA C 119 -9.49 1.85 9.15
N LEU C 120 -10.79 1.89 9.39
CA LEU C 120 -11.84 1.92 8.29
C LEU C 120 -12.45 3.29 8.14
N ASP C 121 -12.35 3.86 6.92
CA ASP C 121 -13.00 5.13 6.61
C ASP C 121 -14.44 4.69 6.16
N ASN C 122 -15.48 5.28 6.76
CA ASN C 122 -16.81 5.13 6.18
C ASN C 122 -17.02 6.35 5.23
N THR C 123 -16.92 6.16 3.91
CA THR C 123 -16.99 7.34 3.02
C THR C 123 -18.46 7.80 2.74
N SER C 124 -19.43 7.03 3.24
CA SER C 124 -20.86 7.34 3.09
C SER C 124 -21.35 8.43 4.05
N ASP C 125 -22.45 9.11 3.70
CA ASP C 125 -23.08 9.99 4.68
C ASP C 125 -24.15 9.31 5.56
N GLN C 126 -24.29 7.99 5.47
CA GLN C 126 -25.09 7.27 6.47
C GLN C 126 -24.17 6.41 7.32
N GLU C 127 -24.65 6.07 8.49
CA GLU C 127 -23.96 5.11 9.34
C GLU C 127 -23.89 3.76 8.64
N TYR C 128 -22.93 2.94 9.00
CA TYR C 128 -22.81 1.70 8.28
C TYR C 128 -22.68 0.56 9.30
N HIS C 129 -23.40 -0.52 9.12
CA HIS C 129 -23.38 -1.64 10.08
C HIS C 129 -22.41 -2.67 9.65
N ILE C 130 -21.37 -2.95 10.43
CA ILE C 130 -20.58 -4.16 10.20
C ILE C 130 -21.04 -5.22 11.19
N LYS C 131 -20.90 -6.50 10.83
CA LYS C 131 -21.45 -7.61 11.63
C LYS C 131 -20.39 -8.58 11.97
N LYS C 132 -20.56 -9.27 13.09
CA LYS C 132 -19.66 -10.35 13.49
C LYS C 132 -19.63 -11.38 12.32
N ASN C 133 -18.47 -11.94 12.00
CA ASN C 133 -18.26 -12.69 10.71
C ASN C 133 -18.06 -12.01 9.35
N ASP C 134 -18.36 -10.71 9.19
CA ASP C 134 -17.98 -10.01 7.97
C ASP C 134 -16.47 -10.19 7.79
N LYS C 135 -16.06 -10.12 6.53
CA LYS C 135 -14.69 -10.22 6.15
C LYS C 135 -14.32 -9.03 5.32
N LEU C 136 -13.63 -8.07 5.94
CA LEU C 136 -13.28 -6.83 5.20
C LEU C 136 -11.80 -6.71 4.84
N VAL C 137 -10.97 -7.49 5.51
CA VAL C 137 -9.54 -7.25 5.48
C VAL C 137 -8.77 -8.61 5.52
N GLN C 138 -7.49 -8.64 5.17
CA GLN C 138 -6.75 -9.91 5.07
C GLN C 138 -5.23 -9.69 5.36
N LEU C 139 -4.59 -10.71 5.91
CA LEU C 139 -3.18 -10.62 6.21
C LEU C 139 -2.45 -11.18 5.02
N VAL C 140 -1.42 -10.49 4.57
CA VAL C 140 -0.57 -11.01 3.53
C VAL C 140 0.90 -10.84 3.75
N SER C 141 1.65 -11.77 3.19
CA SER C 141 3.10 -11.75 3.31
C SER C 141 3.71 -10.77 2.36
N PHE C 142 4.83 -10.18 2.75
CA PHE C 142 5.66 -9.45 1.79
C PHE C 142 6.17 -10.29 0.64
N THR C 143 6.19 -11.61 0.81
CA THR C 143 6.64 -12.48 -0.31
C THR C 143 5.49 -12.73 -1.26
N GLY C 144 4.26 -12.69 -0.76
CA GLY C 144 3.12 -13.07 -1.56
C GLY C 144 2.94 -14.58 -1.59
N GLU C 145 3.76 -15.30 -0.80
CA GLU C 145 3.69 -16.75 -0.65
C GLU C 145 2.40 -17.16 0.04
N PRO C 146 1.90 -18.36 -0.28
CA PRO C 146 0.70 -18.82 0.39
C PRO C 146 0.94 -18.90 1.89
N LEU C 147 -0.05 -18.65 2.72
CA LEU C 147 0.28 -18.70 4.16
C LEU C 147 -0.53 -19.71 4.96
N SER C 148 0.02 -20.15 6.09
CA SER C 148 -0.77 -20.99 6.98
C SER C 148 -0.80 -20.33 8.36
N PHE C 149 -1.73 -20.73 9.21
CA PHE C 149 -1.76 -20.20 10.57
C PHE C 149 -2.05 -21.32 11.57
N GLU C 150 -1.51 -21.24 12.78
CA GLU C 150 -2.07 -21.98 13.91
C GLU C 150 -2.50 -21.03 15.05
N LEU C 151 -3.48 -21.49 15.82
CA LEU C 151 -3.96 -20.78 16.98
C LEU C 151 -3.09 -21.19 18.12
N VAL C 152 -2.68 -20.23 18.94
CA VAL C 152 -1.62 -20.47 19.92
C VAL C 152 -2.11 -19.72 21.15
N GLU C 153 -1.60 -20.03 22.34
CA GLU C 153 -2.06 -19.32 23.55
C GLU C 153 -1.24 -18.09 23.91
N GLU C 154 0.00 -18.01 23.45
CA GLU C 154 0.80 -16.84 23.75
C GLU C 154 1.76 -16.61 22.60
N LEU C 155 2.16 -15.36 22.40
CA LEU C 155 3.18 -15.08 21.41
C LEU C 155 4.61 -15.22 21.96
N ASP C 156 4.78 -14.91 23.23
CA ASP C 156 6.09 -15.06 23.82
C ASP C 156 5.80 -14.96 25.30
N GLU C 157 6.84 -14.73 26.12
CA GLU C 157 6.65 -14.78 27.61
C GLU C 157 6.12 -13.52 28.21
N THR C 158 6.02 -12.42 27.43
CA THR C 158 5.65 -11.12 28.06
C THR C 158 4.13 -11.06 28.22
N SER C 159 3.68 -10.18 29.12
CA SER C 159 2.26 -9.94 29.30
C SER C 159 1.57 -9.46 28.02
N ARG C 160 2.19 -8.50 27.36
CA ARG C 160 1.72 -8.02 26.02
C ARG C 160 1.63 -9.20 25.06
N GLY C 161 2.57 -10.13 25.13
CA GLY C 161 2.45 -11.40 24.33
C GLY C 161 1.43 -12.40 24.85
N GLU C 162 0.74 -12.06 25.93
CA GLU C 162 -0.26 -12.94 26.59
C GLU C 162 0.39 -14.18 27.26
N GLY C 163 1.70 -14.10 27.53
CA GLY C 163 2.47 -15.20 28.05
C GLY C 163 2.91 -15.04 29.48
N GLY C 164 3.74 -16.00 29.94
CA GLY C 164 4.39 -15.91 31.23
C GLY C 164 3.52 -16.00 32.44
N PHE C 165 4.14 -15.89 33.62
CA PHE C 165 3.47 -16.04 34.90
C PHE C 165 2.31 -15.04 35.12
N GLY C 166 1.19 -15.47 35.73
CA GLY C 166 0.02 -14.57 35.88
C GLY C 166 -0.69 -14.41 34.50
N SER C 167 -0.12 -14.76 33.46
CA SER C 167 -0.43 -14.46 32.05
C SER C 167 -0.93 -13.02 31.77
O4 DUQ D . 4.66 8.33 -4.31
C4 DUQ D . 5.51 8.63 -5.18
N3 DUQ D . 6.32 9.72 -5.06
C2 DUQ D . 7.22 10.00 -6.02
O2 DUQ D . 8.03 10.97 -5.98
C5 DUQ D . 5.57 7.83 -6.29
C6 DUQ D . 6.49 8.14 -7.30
N1 DUQ D . 7.31 9.19 -7.17
C1' DUQ D . 8.26 9.60 -8.24
C1 DUQ D . 7.46 9.83 -9.53
C38 DUQ D . 8.26 10.22 -10.77
N34 DUQ D . 8.47 11.46 -11.18
C39 DUQ D . 9.25 11.84 -12.37
C40 DUQ D . 9.39 13.35 -12.27
O37 DUQ D . 8.14 13.92 -12.70
O38 DUQ D . 8.65 9.29 -11.42
C4' DUQ D . 6.25 10.71 -9.35
C5' DUQ D . 5.43 11.04 -10.61
O1 DUQ D . 5.38 12.49 -10.51
C17 DUQ D . 4.20 13.14 -9.98
C30 DUQ D . 4.67 14.56 -9.76
C31 DUQ D . 5.88 15.00 -10.34
C32 DUQ D . 6.32 16.32 -10.10
C33 DUQ D . 5.57 17.23 -9.34
C34 DUQ D . 4.35 16.79 -8.80
C35 DUQ D . 3.92 15.50 -9.04
C24 DUQ D . 3.19 13.19 -11.13
C25 DUQ D . 3.65 12.95 -12.45
C26 DUQ D . 2.75 13.01 -13.54
C27 DUQ D . 1.40 13.35 -13.31
C28 DUQ D . 0.94 13.60 -12.00
C29 DUQ D . 1.84 13.52 -10.91
C18 DUQ D . 3.72 12.40 -8.70
C19 DUQ D . 4.43 12.56 -7.47
C20 DUQ D . 4.04 11.84 -6.28
C21 DUQ D . 2.94 11.00 -6.33
C22 DUQ D . 2.22 10.81 -7.54
C23 DUQ D . 2.63 11.50 -8.71
S SO4 E . 3.66 2.68 11.30
O1 SO4 E . 3.67 1.90 10.02
O2 SO4 E . 2.70 2.08 12.35
O3 SO4 E . 3.36 4.06 10.93
O4 SO4 E . 4.97 2.61 12.01
O4 DUQ F . -7.73 -5.34 -8.13
C4 DUQ F . -8.09 -6.52 -8.31
N3 DUQ F . -8.60 -6.93 -9.52
C2 DUQ F . -8.97 -8.21 -9.70
O2 DUQ F . -9.47 -8.66 -10.78
C5 DUQ F . -7.94 -7.41 -7.28
C6 DUQ F . -8.34 -8.74 -7.46
N1 DUQ F . -8.84 -9.12 -8.67
C1' DUQ F . -9.36 -10.48 -8.97
C1 DUQ F . -10.59 -10.77 -8.04
C38 DUQ F . -11.45 -11.91 -8.50
N34 DUQ F . -12.36 -11.67 -9.44
C39 DUQ F . -13.37 -12.47 -10.15
C40 DUQ F . -13.62 -13.76 -9.40
O37 DUQ F . -14.69 -13.46 -8.51
O38 DUQ F . -11.28 -12.96 -7.91
C4' DUQ F . -11.42 -9.58 -7.49
C5' DUQ F . -12.79 -9.95 -6.90
O1 DUQ F . -13.90 -9.70 -7.82
C17 DUQ F . -14.65 -8.45 -7.86
C30 DUQ F . -15.72 -8.42 -6.73
C31 DUQ F . -16.41 -7.26 -6.38
C32 DUQ F . -17.36 -7.28 -5.33
C33 DUQ F . -17.64 -8.46 -4.62
C34 DUQ F . -16.95 -9.62 -4.94
C35 DUQ F . -16.02 -9.59 -6.01
C24 DUQ F . -13.58 -7.39 -7.76
C25 DUQ F . -12.79 -7.10 -8.89
C26 DUQ F . -11.76 -6.13 -8.87
C27 DUQ F . -11.45 -5.44 -7.68
C28 DUQ F . -12.25 -5.73 -6.56
C29 DUQ F . -13.28 -6.68 -6.57
C18 DUQ F . -15.47 -8.45 -9.16
C19 DUQ F . -16.05 -7.28 -9.70
C20 DUQ F . -16.83 -7.28 -10.89
C21 DUQ F . -17.06 -8.46 -11.59
C22 DUQ F . -16.51 -9.64 -11.07
C23 DUQ F . -15.72 -9.64 -9.87
O4 DUQ G . -3.17 -1.44 9.76
C4 DUQ G . -2.45 -1.52 10.77
N3 DUQ G . -3.04 -2.12 11.84
C2 DUQ G . -2.37 -2.19 13.00
O2 DUQ G . -2.86 -2.76 14.04
C5 DUQ G . -1.14 -1.02 10.78
C6 DUQ G . -0.44 -1.13 12.00
N1 DUQ G . -1.06 -1.72 13.07
C1' DUQ G . -0.50 -1.84 14.42
C1 DUQ G . -0.25 -0.35 14.88
C38 DUQ G . 0.51 -0.21 16.19
N34 DUQ G . 0.03 0.14 17.39
C39 DUQ G . 0.85 0.25 18.61
C40 DUQ G . -0.13 0.86 19.58
O37 DUQ G . -0.06 2.25 19.21
O38 DUQ G . 1.66 -0.47 15.99
C4' DUQ G . -0.98 0.91 14.38
C5' DUQ G . -0.71 2.30 15.06
O1 DUQ G . -1.80 2.35 16.05
C17 DUQ G . -3.07 3.01 15.78
C30 DUQ G . -3.55 2.50 14.39
C31 DUQ G . -3.38 3.28 13.20
C32 DUQ G . -3.77 2.75 11.93
C33 DUQ G . -4.36 1.45 11.86
C34 DUQ G . -4.56 0.71 13.05
C35 DUQ G . -4.11 1.24 14.29
C24 DUQ G . -4.00 2.74 16.95
C25 DUQ G . -5.40 2.94 16.89
C26 DUQ G . -6.21 2.64 18.02
C27 DUQ G . -5.64 2.15 19.23
C28 DUQ G . -4.24 1.97 19.32
C29 DUQ G . -3.43 2.25 18.18
C18 DUQ G . -2.84 4.50 15.83
C19 DUQ G . -3.73 5.41 15.25
C20 DUQ G . -3.47 6.75 15.40
C21 DUQ G . -2.31 7.22 16.01
C22 DUQ G . -1.37 6.34 16.54
C23 DUQ G . -1.67 4.99 16.46
S SO4 H . 5.34 -4.44 20.60
O1 SO4 H . 5.86 -5.65 19.87
O2 SO4 H . 3.87 -4.51 20.79
O3 SO4 H . 5.73 -3.27 19.78
O4 SO4 H . 5.89 -4.33 21.98
#